data_4QC1
#
_entry.id   4QC1
#
_cell.length_a   29.724
_cell.length_b   67.012
_cell.length_c   136.055
_cell.angle_alpha   90.00
_cell.angle_beta   90.00
_cell.angle_gamma   90.00
#
_symmetry.space_group_name_H-M   'P 21 21 21'
#
loop_
_entity.id
_entity.type
_entity.pdbx_description
1 polymer 'Bromodomain adjacent to zinc finger domain protein 2B'
2 polymer 'acetylated histone 3 peptide (H3K14ac)'
3 non-polymer 'ZINC ION'
4 non-polymer 'SULFATE ION'
5 water water
#
loop_
_entity_poly.entity_id
_entity_poly.type
_entity_poly.pdbx_seq_one_letter_code
_entity_poly.pdbx_strand_id
1 'polypeptide(L)'
;SMDSKDLALCSMILTEMETHEDAWPFLLPVNLKLVPGYKKVIKKPMDFSTIREKLSSGQYPNLETFALDVRLVFDNCETF
NEDDSDIGRAGHNMRKYFEKKWTDTFK
;
A,B
2 'polypeptide(L)' KSTGG(ALY)APRKQ D,E
#
loop_
_chem_comp.id
_chem_comp.type
_chem_comp.name
_chem_comp.formula
SO4 non-polymer 'SULFATE ION' 'O4 S -2'
ZN non-polymer 'ZINC ION' 'Zn 2'
#
# COMPACT_ATOMS: atom_id res chain seq x y z
N SER A 1 -14.38 -6.50 -3.63
CA SER A 1 -15.28 -5.92 -2.57
C SER A 1 -14.63 -5.94 -1.14
N MET A 2 -13.32 -6.10 -1.08
CA MET A 2 -12.54 -5.65 0.07
C MET A 2 -12.45 -4.14 -0.06
N ASP A 3 -12.77 -3.41 1.00
CA ASP A 3 -12.52 -1.97 1.03
C ASP A 3 -10.99 -1.62 0.96
N SER A 4 -10.75 -0.37 0.59
CA SER A 4 -9.46 0.28 0.53
C SER A 4 -8.43 -0.11 1.65
N LYS A 5 -8.95 -0.17 2.89
CA LYS A 5 -8.11 -0.39 4.07
C LYS A 5 -7.67 -1.87 4.17
N ASP A 6 -8.58 -2.76 3.85
CA ASP A 6 -8.29 -4.19 3.86
C ASP A 6 -7.36 -4.55 2.72
N LEU A 7 -7.67 -4.00 1.55
CA LEU A 7 -6.82 -4.19 0.40
C LEU A 7 -5.39 -3.77 0.73
N ALA A 8 -5.26 -2.58 1.32
CA ALA A 8 -4.00 -2.06 1.78
C ALA A 8 -3.21 -2.90 2.76
N LEU A 9 -3.90 -3.47 3.75
CA LEU A 9 -3.28 -4.29 4.74
C LEU A 9 -2.92 -5.62 4.20
N CYS A 10 -3.76 -6.25 3.39
CA CYS A 10 -3.35 -7.52 2.76
C CYS A 10 -2.16 -7.31 1.83
N SER A 11 -2.17 -6.19 1.11
CA SER A 11 -1.05 -5.91 0.18
C SER A 11 0.24 -5.74 0.94
N MET A 12 0.18 -5.14 2.13
CA MET A 12 1.38 -4.94 2.95
C MET A 12 1.89 -6.30 3.49
N ILE A 13 0.99 -7.14 3.94
CA ILE A 13 1.39 -8.46 4.42
C ILE A 13 2.03 -9.24 3.29
N LEU A 14 1.44 -9.20 2.10
CA LEU A 14 2.05 -9.87 0.98
C LEU A 14 3.48 -9.35 0.66
N THR A 15 3.67 -8.02 0.67
CA THR A 15 5.02 -7.45 0.47
C THR A 15 6.03 -7.83 1.55
N GLU A 16 5.56 -7.84 2.80
CA GLU A 16 6.38 -8.28 3.92
C GLU A 16 6.80 -9.75 3.72
N MET A 17 5.87 -10.59 3.28
CA MET A 17 6.17 -12.02 3.08
C MET A 17 7.14 -12.17 1.93
N GLU A 18 6.87 -11.44 0.85
CA GLU A 18 7.80 -11.41 -0.30
C GLU A 18 9.24 -11.01 0.04
N THR A 19 9.41 -10.12 1.00
CA THR A 19 10.72 -9.68 1.48
C THR A 19 11.46 -10.62 2.42
N HIS A 20 10.73 -11.50 3.09
CA HIS A 20 11.25 -12.37 4.15
C HIS A 20 12.31 -13.33 3.58
N GLU A 21 13.36 -13.58 4.35
CA GLU A 21 14.40 -14.44 3.86
C GLU A 21 13.94 -15.88 3.50
N ASP A 22 12.83 -16.37 4.05
CA ASP A 22 12.36 -17.77 3.87
C ASP A 22 11.32 -17.81 2.77
N ALA A 23 11.13 -16.67 2.05
CA ALA A 23 10.14 -16.57 0.99
C ALA A 23 10.57 -17.17 -0.35
N TRP A 24 11.86 -17.46 -0.51
CA TRP A 24 12.39 -17.91 -1.83
C TRP A 24 11.62 -19.05 -2.54
N PRO A 25 11.07 -20.02 -1.81
CA PRO A 25 10.35 -21.05 -2.62
C PRO A 25 9.00 -20.60 -3.18
N PHE A 26 8.46 -19.46 -2.71
CA PHE A 26 7.04 -19.14 -2.90
C PHE A 26 6.77 -17.92 -3.76
N LEU A 27 7.83 -17.33 -4.29
CA LEU A 27 7.71 -16.08 -5.01
C LEU A 27 6.96 -16.23 -6.34
N LEU A 28 7.18 -17.37 -7.01
CA LEU A 28 6.64 -17.58 -8.36
C LEU A 28 6.00 -18.97 -8.46
N PRO A 29 5.16 -19.19 -9.48
CA PRO A 29 4.51 -20.49 -9.52
C PRO A 29 5.49 -21.63 -9.63
N VAL A 30 5.19 -22.78 -9.01
CA VAL A 30 6.03 -23.96 -9.25
C VAL A 30 5.95 -24.26 -10.75
N ASN A 31 7.07 -24.58 -11.36
CA ASN A 31 7.07 -24.88 -12.77
C ASN A 31 6.70 -26.31 -13.00
N LEU A 32 5.46 -26.51 -13.44
CA LEU A 32 4.87 -27.86 -13.51
C LEU A 32 5.65 -28.79 -14.41
N LYS A 33 6.32 -28.22 -15.43
CA LYS A 33 7.13 -29.05 -16.33
C LYS A 33 8.44 -29.56 -15.71
N LEU A 34 9.13 -28.78 -14.88
CA LEU A 34 10.39 -29.29 -14.34
C LEU A 34 10.25 -29.92 -12.94
N VAL A 35 9.04 -29.92 -12.41
CA VAL A 35 8.76 -30.67 -11.19
C VAL A 35 7.70 -31.67 -11.58
N PRO A 36 8.09 -32.65 -12.41
CA PRO A 36 7.10 -33.62 -12.78
C PRO A 36 6.71 -34.32 -11.50
N GLY A 37 5.43 -34.65 -11.38
CA GLY A 37 4.89 -35.20 -10.17
C GLY A 37 4.19 -34.16 -9.33
N TYR A 38 4.48 -32.86 -9.56
CA TYR A 38 3.93 -31.86 -8.64
C TYR A 38 2.41 -31.89 -8.72
N LYS A 39 1.90 -31.83 -9.94
CA LYS A 39 0.50 -31.60 -10.15
C LYS A 39 -0.35 -32.79 -9.78
N LYS A 40 0.22 -34.00 -9.76
CA LYS A 40 -0.52 -35.17 -9.33
C LYS A 40 -0.68 -35.25 -7.83
N VAL A 41 0.17 -34.53 -7.08
CA VAL A 41 0.06 -34.47 -5.64
C VAL A 41 -0.77 -33.23 -5.24
N ILE A 42 -0.57 -32.11 -5.95
CA ILE A 42 -1.14 -30.81 -5.59
C ILE A 42 -2.31 -30.40 -6.47
N LYS A 43 -3.51 -30.38 -5.91
CA LYS A 43 -4.75 -30.06 -6.67
C LYS A 43 -4.83 -28.64 -7.14
N LYS A 44 -4.41 -27.71 -6.28
CA LYS A 44 -4.41 -26.28 -6.62
C LYS A 44 -3.11 -25.58 -6.24
N PRO A 45 -2.21 -25.46 -7.20
CA PRO A 45 -1.00 -24.73 -6.95
C PRO A 45 -1.31 -23.27 -6.61
N MET A 46 -0.46 -22.66 -5.81
CA MET A 46 -0.64 -21.29 -5.43
C MET A 46 0.74 -20.75 -5.03
N ASP A 47 0.98 -19.46 -5.31
CA ASP A 47 2.22 -18.79 -4.94
C ASP A 47 1.94 -17.30 -4.81
N PHE A 48 2.90 -16.56 -4.28
CA PHE A 48 2.69 -15.17 -3.85
C PHE A 48 2.40 -14.24 -5.04
N SER A 49 3.13 -14.41 -6.15
CA SER A 49 2.82 -13.59 -7.33
C SER A 49 1.36 -13.79 -7.89
N THR A 50 0.84 -15.02 -7.88
CA THR A 50 -0.59 -15.26 -8.18
C THR A 50 -1.52 -14.59 -7.17
N ILE A 51 -1.16 -14.69 -5.89
CA ILE A 51 -1.90 -13.96 -4.86
C ILE A 51 -1.85 -12.45 -5.15
N ARG A 52 -0.70 -11.95 -5.55
CA ARG A 52 -0.59 -10.52 -5.84
C ARG A 52 -1.55 -10.11 -6.98
N GLU A 53 -1.55 -10.91 -8.03
CA GLU A 53 -2.43 -10.71 -9.17
C GLU A 53 -3.92 -10.71 -8.82
N LYS A 54 -4.29 -11.69 -8.00
CA LYS A 54 -5.67 -11.87 -7.57
C LYS A 54 -6.05 -10.73 -6.65
N LEU A 55 -5.12 -10.30 -5.79
CA LEU A 55 -5.41 -9.13 -4.93
C LEU A 55 -5.63 -7.83 -5.73
N SER A 56 -4.71 -7.54 -6.68
CA SER A 56 -4.71 -6.34 -7.49
C SER A 56 -5.90 -6.31 -8.43
N SER A 57 -6.41 -7.46 -8.84
CA SER A 57 -7.52 -7.52 -9.79
C SER A 57 -8.87 -7.68 -9.11
N GLY A 58 -8.97 -7.49 -7.80
CA GLY A 58 -10.24 -7.64 -7.12
C GLY A 58 -10.80 -9.04 -7.01
N GLN A 59 -9.96 -10.08 -7.00
CA GLN A 59 -10.53 -11.44 -6.94
C GLN A 59 -10.82 -11.93 -5.53
N TYR A 60 -10.40 -11.18 -4.54
CA TYR A 60 -10.67 -11.58 -3.16
C TYR A 60 -11.77 -10.68 -2.66
N PRO A 61 -12.94 -11.27 -2.39
CA PRO A 61 -14.06 -10.44 -1.96
C PRO A 61 -13.94 -10.04 -0.52
N ASN A 62 -13.17 -10.79 0.27
CA ASN A 62 -13.01 -10.48 1.68
C ASN A 62 -11.68 -10.97 2.23
N LEU A 63 -11.45 -10.74 3.52
CA LEU A 63 -10.15 -11.03 4.14
C LEU A 63 -9.88 -12.54 4.19
N GLU A 64 -10.89 -13.31 4.57
CA GLU A 64 -10.79 -14.74 4.66
C GLU A 64 -10.32 -15.38 3.35
N THR A 65 -10.80 -14.91 2.20
CA THR A 65 -10.46 -15.60 0.97
C THR A 65 -8.98 -15.45 0.72
N PHE A 66 -8.43 -14.27 1.01
CA PHE A 66 -7.01 -13.96 0.88
C PHE A 66 -6.16 -14.84 1.78
N ALA A 67 -6.54 -14.92 3.07
CA ALA A 67 -5.88 -15.78 3.99
C ALA A 67 -5.95 -17.21 3.56
N LEU A 68 -7.09 -17.65 3.05
CA LEU A 68 -7.16 -19.01 2.48
C LEU A 68 -6.10 -19.35 1.41
N ASP A 69 -5.89 -18.44 0.46
CA ASP A 69 -4.86 -18.67 -0.59
C ASP A 69 -3.43 -18.65 0.02
N VAL A 70 -3.20 -17.77 0.99
CA VAL A 70 -1.87 -17.71 1.67
C VAL A 70 -1.59 -19.05 2.36
N ARG A 71 -2.50 -19.54 3.20
CA ARG A 71 -2.38 -20.89 3.75
C ARG A 71 -2.16 -22.03 2.71
N LEU A 72 -2.82 -21.97 1.55
CA LEU A 72 -2.70 -22.99 0.52
C LEU A 72 -1.27 -23.02 0.01
N VAL A 73 -0.60 -21.88 0.02
CA VAL A 73 0.81 -21.89 -0.38
C VAL A 73 1.56 -22.79 0.59
N PHE A 74 1.34 -22.63 1.89
CA PHE A 74 2.14 -23.38 2.80
C PHE A 74 1.63 -24.82 3.02
N ASP A 75 0.31 -25.03 2.89
CA ASP A 75 -0.21 -26.43 2.88
C ASP A 75 0.34 -27.27 1.68
N ASN A 76 0.35 -26.64 0.51
CA ASN A 76 0.97 -27.29 -0.66
C ASN A 76 2.41 -27.69 -0.38
N CYS A 77 3.19 -26.77 0.17
CA CYS A 77 4.62 -27.00 0.43
C CYS A 77 4.82 -28.14 1.42
N GLU A 78 3.98 -28.20 2.46
CA GLU A 78 4.04 -29.25 3.46
C GLU A 78 3.56 -30.62 2.95
N THR A 79 2.57 -30.64 2.06
CA THR A 79 2.13 -31.85 1.45
C THR A 79 3.25 -32.40 0.54
N PHE A 80 3.85 -31.52 -0.22
CA PHE A 80 4.81 -31.98 -1.24
C PHE A 80 6.19 -32.34 -0.74
N ASN A 81 6.71 -31.55 0.19
CA ASN A 81 8.09 -31.64 0.64
C ASN A 81 8.29 -32.18 2.05
N GLU A 82 9.43 -32.85 2.25
CA GLU A 82 9.88 -33.28 3.58
C GLU A 82 10.06 -32.10 4.49
N ASP A 83 9.65 -32.25 5.75
CA ASP A 83 9.81 -31.15 6.67
C ASP A 83 11.32 -30.89 6.88
N ASP A 84 12.09 -31.97 6.96
CA ASP A 84 13.56 -31.83 7.20
C ASP A 84 14.27 -31.51 5.87
N SER A 85 14.13 -30.27 5.41
CA SER A 85 14.77 -29.79 4.21
C SER A 85 14.74 -28.29 4.39
N ASP A 86 15.51 -27.59 3.58
CA ASP A 86 15.52 -26.14 3.62
C ASP A 86 14.14 -25.64 3.18
N ILE A 87 13.60 -26.21 2.10
CA ILE A 87 12.29 -25.81 1.64
C ILE A 87 11.19 -26.12 2.68
N GLY A 88 11.20 -27.30 3.30
CA GLY A 88 10.22 -27.63 4.34
C GLY A 88 10.25 -26.67 5.53
N ARG A 89 11.46 -26.37 6.02
CA ARG A 89 11.63 -25.42 7.12
C ARG A 89 11.17 -24.00 6.68
N ALA A 90 11.49 -23.64 5.44
CA ALA A 90 11.10 -22.37 4.90
C ALA A 90 9.58 -22.16 4.93
N GLY A 91 8.83 -23.20 4.51
CA GLY A 91 7.38 -23.22 4.57
C GLY A 91 6.88 -23.07 5.98
N HIS A 92 7.46 -23.79 6.94
CA HIS A 92 6.96 -23.74 8.37
C HIS A 92 7.24 -22.38 8.98
N ASN A 93 8.36 -21.78 8.60
CA ASN A 93 8.76 -20.44 9.14
C ASN A 93 7.87 -19.35 8.58
N MET A 94 7.55 -19.42 7.29
CA MET A 94 6.66 -18.45 6.63
C MET A 94 5.21 -18.59 7.14
N ARG A 95 4.74 -19.81 7.35
CA ARG A 95 3.44 -19.98 7.97
C ARG A 95 3.35 -19.27 9.36
N LYS A 96 4.32 -19.53 10.21
CA LYS A 96 4.43 -18.90 11.53
C LYS A 96 4.46 -17.38 11.45
N TYR A 97 5.30 -16.85 10.54
CA TYR A 97 5.38 -15.43 10.30
C TYR A 97 4.02 -14.88 9.86
N PHE A 98 3.40 -15.56 8.88
CA PHE A 98 2.12 -15.10 8.35
C PHE A 98 1.04 -15.05 9.47
N GLU A 99 0.92 -16.15 10.20
CA GLU A 99 -0.17 -16.22 11.20
C GLU A 99 -0.01 -15.18 12.29
N LYS A 100 1.23 -14.91 12.70
CA LYS A 100 1.48 -13.86 13.69
C LYS A 100 1.18 -12.47 13.09
N LYS A 101 1.72 -12.23 11.90
CA LYS A 101 1.47 -10.96 11.16
C LYS A 101 -0.04 -10.73 10.89
N TRP A 102 -0.79 -11.78 10.52
CA TRP A 102 -2.25 -11.74 10.37
C TRP A 102 -2.93 -11.38 11.71
N THR A 103 -2.67 -12.15 12.77
CA THR A 103 -3.24 -11.83 14.09
C THR A 103 -2.90 -10.37 14.50
N ASP A 104 -1.63 -9.96 14.37
CA ASP A 104 -1.24 -8.61 14.83
C ASP A 104 -1.85 -7.49 13.99
N THR A 105 -2.08 -7.75 12.70
CA THR A 105 -2.70 -6.77 11.84
C THR A 105 -4.22 -6.70 12.11
N PHE A 106 -4.88 -7.83 12.32
CA PHE A 106 -6.37 -7.85 12.36
C PHE A 106 -6.94 -8.30 13.71
N MET B 2 7.16 4.80 12.61
CA MET B 2 5.92 4.43 11.82
C MET B 2 6.04 3.02 11.24
N ASP B 3 5.40 2.07 11.92
CA ASP B 3 5.38 0.67 11.52
C ASP B 3 4.68 0.40 10.17
N SER B 4 4.75 -0.86 9.75
CA SER B 4 4.22 -1.31 8.47
C SER B 4 2.77 -0.94 8.20
N LYS B 5 1.98 -0.99 9.25
CA LYS B 5 0.54 -0.92 9.14
C LYS B 5 0.17 0.54 8.90
N ASP B 6 0.85 1.39 9.66
CA ASP B 6 0.66 2.81 9.51
C ASP B 6 1.18 3.31 8.16
N LEU B 7 2.41 2.94 7.78
CA LEU B 7 2.92 3.20 6.43
C LEU B 7 1.91 2.82 5.34
N ALA B 8 1.38 1.59 5.43
CA ALA B 8 0.43 1.09 4.47
C ALA B 8 -0.82 1.97 4.35
N LEU B 9 -1.36 2.37 5.50
CA LEU B 9 -2.57 3.13 5.56
C LEU B 9 -2.37 4.57 5.10
N CYS B 10 -1.25 5.20 5.45
CA CYS B 10 -0.99 6.55 4.92
C CYS B 10 -0.74 6.55 3.44
N SER B 11 -0.03 5.52 2.98
CA SER B 11 0.28 5.43 1.55
C SER B 11 -1.00 5.23 0.76
N MET B 12 -1.94 4.42 1.26
CA MET B 12 -3.28 4.24 0.64
C MET B 12 -4.05 5.58 0.60
N ILE B 13 -4.00 6.36 1.69
CA ILE B 13 -4.78 7.60 1.73
C ILE B 13 -4.15 8.57 0.75
N LEU B 14 -2.83 8.64 0.71
CA LEU B 14 -2.17 9.50 -0.26
C LEU B 14 -2.54 9.10 -1.72
N THR B 15 -2.46 7.81 -2.04
CA THR B 15 -2.87 7.38 -3.37
C THR B 15 -4.31 7.75 -3.74
N GLU B 16 -5.24 7.53 -2.80
CA GLU B 16 -6.63 7.92 -2.99
C GLU B 16 -6.65 9.43 -3.30
N MET B 17 -5.90 10.21 -2.52
CA MET B 17 -5.92 11.64 -2.79
C MET B 17 -5.33 12.01 -4.14
N GLU B 18 -4.22 11.37 -4.49
CA GLU B 18 -3.57 11.63 -5.78
C GLU B 18 -4.49 11.36 -6.97
N THR B 19 -5.40 10.40 -6.86
CA THR B 19 -6.28 10.03 -7.99
C THR B 19 -7.67 10.71 -7.94
N HIS B 20 -7.86 11.60 -6.98
CA HIS B 20 -9.13 12.28 -6.81
C HIS B 20 -9.24 13.38 -7.86
N GLU B 21 -10.42 13.58 -8.42
CA GLU B 21 -10.56 14.59 -9.48
C GLU B 21 -10.23 16.04 -9.02
N ASP B 22 -10.36 16.32 -7.73
CA ASP B 22 -10.00 17.66 -7.18
C ASP B 22 -8.53 17.86 -6.74
N ALA B 23 -7.68 16.90 -7.02
CA ALA B 23 -6.27 16.91 -6.60
C ALA B 23 -5.36 17.64 -7.58
N TRP B 24 -5.87 18.00 -8.76
CA TRP B 24 -5.04 18.65 -9.78
C TRP B 24 -4.19 19.79 -9.24
N PRO B 25 -4.70 20.61 -8.30
CA PRO B 25 -3.77 21.68 -7.89
C PRO B 25 -2.54 21.19 -7.12
N PHE B 26 -2.59 19.97 -6.58
CA PHE B 26 -1.75 19.57 -5.44
C PHE B 26 -0.74 18.48 -5.74
N LEU B 27 -0.66 18.10 -7.01
CA LEU B 27 0.13 16.92 -7.39
C LEU B 27 1.61 17.15 -7.32
N LEU B 28 2.03 18.35 -7.72
CA LEU B 28 3.41 18.77 -7.83
C LEU B 28 3.60 20.09 -7.10
N PRO B 29 4.84 20.40 -6.69
CA PRO B 29 5.17 21.66 -6.07
C PRO B 29 4.65 22.83 -6.87
N VAL B 30 4.18 23.87 -6.18
CA VAL B 30 3.79 25.11 -6.85
C VAL B 30 5.02 25.70 -7.59
N ASN B 31 4.84 26.17 -8.81
CA ASN B 31 5.98 26.67 -9.59
C ASN B 31 6.27 28.10 -9.19
N LEU B 32 7.30 28.32 -8.41
CA LEU B 32 7.55 29.64 -7.82
C LEU B 32 7.81 30.76 -8.81
N LYS B 33 8.39 30.41 -9.96
CA LYS B 33 8.68 31.39 -11.00
C LYS B 33 7.36 31.81 -11.59
N LEU B 34 6.48 30.84 -11.80
CA LEU B 34 5.21 31.07 -12.47
C LEU B 34 4.21 31.75 -11.56
N VAL B 35 4.41 31.59 -10.25
CA VAL B 35 3.47 32.15 -9.29
C VAL B 35 4.24 33.22 -8.56
N PRO B 36 4.06 34.46 -8.99
CA PRO B 36 4.93 35.45 -8.43
C PRO B 36 4.37 35.75 -7.06
N GLY B 37 5.24 35.76 -6.05
CA GLY B 37 4.86 36.18 -4.72
C GLY B 37 4.31 35.08 -3.86
N TYR B 38 4.37 33.84 -4.35
CA TYR B 38 3.81 32.74 -3.64
C TYR B 38 4.51 32.65 -2.32
N LYS B 39 5.83 32.71 -2.35
CA LYS B 39 6.63 32.46 -1.17
C LYS B 39 6.64 33.55 -0.11
N LYS B 40 6.34 34.81 -0.46
CA LYS B 40 6.11 35.82 0.58
C LYS B 40 4.85 35.49 1.42
N VAL B 41 3.86 34.79 0.86
CA VAL B 41 2.65 34.52 1.59
C VAL B 41 2.76 33.18 2.32
N ILE B 42 3.31 32.18 1.64
CA ILE B 42 3.46 30.82 2.17
C ILE B 42 4.81 30.50 2.79
N LYS B 43 4.84 30.28 4.11
CA LYS B 43 6.06 29.97 4.84
C LYS B 43 6.70 28.64 4.42
N LYS B 44 5.85 27.64 4.20
CA LYS B 44 6.32 26.31 3.86
C LYS B 44 5.47 25.64 2.78
N PRO B 45 5.92 25.74 1.51
CA PRO B 45 5.20 25.04 0.44
C PRO B 45 5.14 23.53 0.68
N MET B 46 4.03 22.91 0.28
CA MET B 46 3.88 21.46 0.47
C MET B 46 2.94 20.98 -0.61
N ASP B 47 3.21 19.78 -1.13
CA ASP B 47 2.39 19.18 -2.20
C ASP B 47 2.47 17.69 -2.09
N PHE B 48 1.59 17.00 -2.81
CA PHE B 48 1.48 15.55 -2.65
C PHE B 48 2.74 14.77 -3.08
N SER B 49 3.50 15.20 -4.11
CA SER B 49 4.70 14.40 -4.50
C SER B 49 5.79 14.52 -3.40
N THR B 50 5.94 15.70 -2.79
CA THR B 50 6.84 15.87 -1.62
C THR B 50 6.46 14.98 -0.47
N ILE B 51 5.16 14.97 -0.15
CA ILE B 51 4.65 14.06 0.85
C ILE B 51 4.95 12.60 0.50
N ARG B 52 4.69 12.20 -0.72
CA ARG B 52 5.06 10.85 -1.12
C ARG B 52 6.58 10.60 -0.92
N GLU B 53 7.42 11.55 -1.32
CA GLU B 53 8.88 11.34 -1.21
C GLU B 53 9.29 11.19 0.26
N LYS B 54 8.63 11.98 1.13
CA LYS B 54 8.88 11.95 2.56
C LYS B 54 8.39 10.67 3.19
N LEU B 55 7.25 10.15 2.73
CA LEU B 55 6.70 8.93 3.30
C LEU B 55 7.59 7.71 2.94
N SER B 56 7.96 7.62 1.68
CA SER B 56 8.81 6.55 1.16
C SER B 56 10.16 6.55 1.80
N SER B 57 10.68 7.72 2.11
CA SER B 57 12.05 7.83 2.63
C SER B 57 12.08 7.86 4.16
N GLY B 58 10.98 7.49 4.79
CA GLY B 58 10.91 7.35 6.22
C GLY B 58 11.05 8.66 6.98
N GLN B 59 10.64 9.80 6.42
CA GLN B 59 10.68 11.05 7.21
C GLN B 59 9.51 11.31 8.18
N TYR B 60 8.48 10.47 8.17
CA TYR B 60 7.33 10.67 9.09
C TYR B 60 7.44 9.64 10.20
N PRO B 61 7.74 10.09 11.43
CA PRO B 61 7.92 9.11 12.51
C PRO B 61 6.61 8.63 13.04
N ASN B 62 5.53 9.37 12.76
CA ASN B 62 4.23 8.96 13.24
C ASN B 62 3.12 9.47 12.37
N LEU B 63 1.91 9.03 12.70
CA LEU B 63 0.68 9.37 11.93
C LEU B 63 0.39 10.85 11.91
N GLU B 64 0.67 11.53 13.01
CA GLU B 64 0.35 12.94 13.15
C GLU B 64 1.22 13.83 12.22
N THR B 65 2.50 13.53 12.08
CA THR B 65 3.35 14.36 11.22
C THR B 65 2.93 14.26 9.75
N PHE B 66 2.54 13.08 9.31
CA PHE B 66 1.96 12.87 8.00
C PHE B 66 0.71 13.73 7.80
N ALA B 67 -0.18 13.72 8.77
CA ALA B 67 -1.39 14.48 8.65
C ALA B 67 -1.11 15.95 8.65
N LEU B 68 -0.15 16.40 9.44
CA LEU B 68 0.15 17.81 9.49
C LEU B 68 0.66 18.29 8.11
N ASP B 69 1.45 17.45 7.41
CA ASP B 69 1.87 17.91 6.07
C ASP B 69 0.70 17.94 5.06
N VAL B 70 -0.23 17.02 5.21
CA VAL B 70 -1.41 16.96 4.28
C VAL B 70 -2.26 18.22 4.51
N ARG B 71 -2.58 18.49 5.78
CA ARG B 71 -3.25 19.77 6.19
C ARG B 71 -2.55 21.03 5.70
N LEU B 72 -1.23 21.01 5.80
CA LEU B 72 -0.43 22.09 5.31
C LEU B 72 -0.64 22.35 3.81
N VAL B 73 -0.70 21.34 3.00
CA VAL B 73 -1.17 21.53 1.56
C VAL B 73 -2.43 22.40 1.42
N PHE B 74 -3.46 22.02 2.17
CA PHE B 74 -4.76 22.68 2.09
C PHE B 74 -4.81 24.08 2.74
N ASP B 75 -4.05 24.24 3.84
CA ASP B 75 -3.87 25.53 4.53
C ASP B 75 -3.18 26.54 3.69
N ASN B 76 -2.11 26.13 2.98
CA ASN B 76 -1.44 27.03 2.01
C ASN B 76 -2.43 27.47 0.93
N CYS B 77 -3.20 26.52 0.41
CA CYS B 77 -4.15 26.79 -0.70
C CYS B 77 -5.23 27.73 -0.30
N GLU B 78 -5.79 27.52 0.88
CA GLU B 78 -6.77 28.46 1.42
C GLU B 78 -6.17 29.82 1.73
N THR B 79 -4.95 29.86 2.23
CA THR B 79 -4.33 31.17 2.52
C THR B 79 -4.10 31.94 1.20
N PHE B 80 -3.55 31.28 0.19
CA PHE B 80 -3.12 31.99 -1.06
C PHE B 80 -4.29 32.40 -1.97
N ASN B 81 -5.29 31.53 -2.06
CA ASN B 81 -6.31 31.61 -3.09
C ASN B 81 -7.68 31.99 -2.53
N GLU B 82 -8.42 32.80 -3.29
CA GLU B 82 -9.84 33.05 -3.06
C GLU B 82 -10.63 31.74 -2.99
N ASP B 83 -11.55 31.64 -2.03
CA ASP B 83 -12.35 30.44 -1.92
C ASP B 83 -13.24 30.28 -3.14
N ASP B 84 -13.73 31.41 -3.70
CA ASP B 84 -14.67 31.33 -4.85
C ASP B 84 -13.84 31.26 -6.13
N SER B 85 -13.29 30.06 -6.35
CA SER B 85 -12.49 29.82 -7.53
C SER B 85 -12.48 28.30 -7.62
N ASP B 86 -12.15 27.76 -8.78
CA ASP B 86 -11.99 26.31 -8.92
C ASP B 86 -10.87 25.74 -8.01
N ILE B 87 -9.74 26.43 -7.94
CA ILE B 87 -8.69 25.98 -7.05
C ILE B 87 -9.11 26.08 -5.60
N GLY B 88 -9.79 27.15 -5.23
CA GLY B 88 -10.26 27.28 -3.84
C GLY B 88 -11.23 26.19 -3.44
N ARG B 89 -12.24 25.96 -4.29
CA ARG B 89 -13.15 24.85 -4.10
C ARG B 89 -12.48 23.47 -4.08
N ALA B 90 -11.55 23.24 -5.01
CA ALA B 90 -10.80 21.99 -5.04
C ALA B 90 -10.07 21.73 -3.70
N GLY B 91 -9.42 22.76 -3.15
CA GLY B 91 -8.80 22.71 -1.80
C GLY B 91 -9.78 22.31 -0.67
N HIS B 92 -10.94 22.94 -0.66
CA HIS B 92 -11.94 22.64 0.39
C HIS B 92 -12.49 21.21 0.20
N ASN B 93 -12.72 20.84 -1.05
CA ASN B 93 -13.21 19.45 -1.36
C ASN B 93 -12.20 18.40 -0.95
N MET B 94 -10.91 18.62 -1.25
CA MET B 94 -9.87 17.69 -0.84
C MET B 94 -9.67 17.63 0.69
N ARG B 95 -9.72 18.78 1.35
CA ARG B 95 -9.65 18.77 2.78
C ARG B 95 -10.77 17.94 3.34
N LYS B 96 -11.98 18.15 2.86
CA LYS B 96 -13.12 17.40 3.40
C LYS B 96 -12.97 15.88 3.18
N TYR B 97 -12.61 15.49 1.96
CA TYR B 97 -12.35 14.10 1.65
C TYR B 97 -11.28 13.51 2.59
N PHE B 98 -10.18 14.22 2.79
CA PHE B 98 -9.11 13.71 3.59
C PHE B 98 -9.53 13.52 5.01
N GLU B 99 -10.16 14.52 5.58
CA GLU B 99 -10.52 14.36 7.03
C GLU B 99 -11.50 13.21 7.27
N LYS B 100 -12.43 13.00 6.34
CA LYS B 100 -13.38 11.86 6.50
C LYS B 100 -12.65 10.54 6.30
N LYS B 101 -11.79 10.52 5.28
CA LYS B 101 -10.93 9.36 5.00
C LYS B 101 -10.04 9.03 6.22
N TRP B 102 -9.49 10.11 6.81
CA TRP B 102 -8.56 10.00 7.96
C TRP B 102 -9.27 9.41 9.19
N THR B 103 -10.38 10.02 9.55
CA THR B 103 -11.24 9.50 10.59
C THR B 103 -11.69 8.07 10.35
N ASP B 104 -12.23 7.78 9.17
CA ASP B 104 -12.75 6.43 8.94
C ASP B 104 -11.68 5.34 8.85
N THR B 105 -10.47 5.76 8.52
CA THR B 105 -9.38 4.81 8.45
C THR B 105 -8.91 4.50 9.86
N PHE B 106 -8.80 5.52 10.70
CA PHE B 106 -8.09 5.36 11.97
C PHE B 106 -9.01 5.41 13.20
N LYS B 107 -10.19 4.80 13.10
CA LYS B 107 -11.27 4.87 14.11
C LYS B 107 -12.61 4.96 13.38
N GLY C 4 13.54 -28.04 -7.97
CA GLY C 4 14.32 -26.79 -7.73
C GLY C 4 14.21 -26.24 -6.33
N GLY C 5 15.11 -26.68 -5.44
CA GLY C 5 14.88 -26.53 -3.99
C GLY C 5 13.94 -27.59 -3.38
OH ALY C 6 6.90 -26.88 -3.38
CH ALY C 6 7.49 -25.88 -3.83
CH3 ALY C 6 7.23 -24.49 -3.33
NZ ALY C 6 8.38 -25.95 -4.83
CE ALY C 6 8.76 -27.20 -5.44
CD ALY C 6 9.98 -27.77 -4.75
CG ALY C 6 10.70 -28.75 -5.65
CB ALY C 6 11.45 -29.88 -4.90
CA ALY C 6 12.28 -29.37 -3.74
N ALY C 6 13.25 -28.39 -4.20
C ALY C 6 12.90 -30.56 -3.04
O ALY C 6 14.00 -30.99 -3.35
N ALA C 7 12.16 -31.12 -2.09
CA ALA C 7 12.59 -32.30 -1.34
C ALA C 7 11.36 -33.20 -1.22
N PRO C 8 10.95 -33.78 -2.33
CA PRO C 8 9.64 -34.44 -2.37
C PRO C 8 9.58 -35.58 -1.39
N ARG C 9 8.43 -35.70 -0.75
CA ARG C 9 8.21 -36.86 0.11
C ARG C 9 8.10 -38.13 -0.75
N LYS C 10 7.54 -38.01 -1.94
CA LYS C 10 7.35 -39.15 -2.84
C LYS C 10 8.42 -39.06 -3.94
N GLN C 11 9.29 -40.07 -4.04
CA GLN C 11 10.32 -40.08 -5.08
C GLN C 11 11.50 -39.18 -4.70
N THR D 3 -1.34 31.86 -12.47
CA THR D 3 -1.93 30.63 -13.08
C THR D 3 -1.14 29.39 -12.63
N GLY D 4 -1.48 28.25 -13.22
CA GLY D 4 -1.54 27.02 -12.46
C GLY D 4 -2.95 27.02 -11.87
N GLY D 5 -3.85 27.85 -12.44
CA GLY D 5 -5.19 27.98 -11.90
C GLY D 5 -5.26 28.69 -10.55
OH ALY D 6 -1.89 27.43 -4.55
CH ALY D 6 -1.68 26.55 -5.38
CH3 ALY D 6 -1.87 25.10 -5.08
NZ ALY D 6 -1.26 26.79 -6.61
CE ALY D 6 -1.01 28.10 -7.11
CD ALY D 6 -2.22 28.67 -7.81
CG ALY D 6 -1.81 29.90 -8.64
CB ALY D 6 -2.92 30.94 -8.74
CA ALY D 6 -4.29 30.34 -9.02
N ALY D 6 -4.28 29.55 -10.25
C ALY D 6 -5.30 31.43 -9.04
O ALY D 6 -5.69 31.94 -10.09
N ALA D 7 -5.78 31.79 -7.88
CA ALA D 7 -6.72 32.89 -7.78
C ALA D 7 -6.29 33.63 -6.52
N PRO D 8 -5.16 34.33 -6.60
CA PRO D 8 -4.60 34.98 -5.43
C PRO D 8 -5.56 35.97 -4.76
N ARG D 9 -5.53 35.97 -3.43
CA ARG D 9 -6.36 36.92 -2.69
C ARG D 9 -5.78 38.34 -2.86
N LYS D 10 -4.55 38.43 -3.36
CA LYS D 10 -3.85 39.72 -3.47
C LYS D 10 -3.26 39.98 -4.82
N GLN D 11 -3.57 41.16 -5.36
CA GLN D 11 -3.00 41.68 -6.59
C GLN D 11 -1.80 42.59 -6.28
ZN ZN E . 8.74 -38.37 4.39
ZN ZN F . 3.84 -28.80 9.90
ZN ZN G . -12.09 26.47 5.06
ZN ZN H . -10.11 38.58 -1.12
S SO4 I . 11.71 6.52 16.35
O1 SO4 I . 12.56 6.64 17.55
O2 SO4 I . 12.06 5.31 15.57
O3 SO4 I . 10.31 6.33 16.81
O4 SO4 I . 11.81 7.75 15.51
#